data_3AXI
#
_entry.id   3AXI
#
_cell.length_a   95.474
_cell.length_b   115.373
_cell.length_c   61.594
_cell.angle_alpha   90.00
_cell.angle_beta   91.07
_cell.angle_gamma   90.00
#
_symmetry.space_group_name_H-M   'C 1 2 1'
#
loop_
_entity.id
_entity.type
_entity.pdbx_description
1 polymer 'Oligo-1,6-glucosidase IMA1'
2 non-polymer alpha-D-glucopyranose
3 non-polymer 'CALCIUM ION'
4 water water
#
_entity_poly.entity_id   1
_entity_poly.type   'polypeptide(L)'
_entity_poly.pdbx_seq_one_letter_code
;MTISSAHPETEPKWWKEATFYQIYPASFKDSNDDGWGDMKGIASKLEYIKELGADAIWISPFYDSPQDDMGYDIANYEKV
WPTYGTNEDCFALIEKTHKLGMKFITDLVINHCSSEHEWFKESRSSKTNPKRDWFFWRPPKGYDAEGKPIPPNNWKSYFG
GSAWTFDEKTQEFYLRLFCSTQPDLNWENEDCRKAIYESAVGYWLDHGVDGFRIDVGSLYSKVVGLPDAPVVDKNSTWQS
SDPYTLNGPRIHEFHQEMNQFIRNRVKDGREIMTVGAMQHASDETKRLYTSASRHELSELFNFSHTDVGTSPLFRYNLVP
FELKDWKIALAELFRYINGTDCWSTIYLENHDQPRSITRFGDDSPKNRVISGKLLSVLLSALTGTLYVYQGQELGQINFK
NWPVEKYEDVEIRNNYNAIKEEHGENSEEMKKFLEAIALISRDHARTPMQWSREEPNAGFSGPSAKPWFYLNDSFREGIN
VEDEIKDPNSVLNFWKEALKFRKAHKDITVYGYDFEFIDLDNKKLFSFTKKYNNKTLFAALNFSSDATDFKIPNDDSSFK
LEFGNYPKKEVDASSRTLKPWEGRIYISE
;
_entity_poly.pdbx_strand_id   A
#
# COMPACT_ATOMS: atom_id res chain seq x y z
N SER A 4 26.74 -12.75 -10.38
CA SER A 4 25.54 -12.83 -9.50
C SER A 4 25.84 -13.53 -8.17
N SER A 5 27.09 -14.00 -8.03
CA SER A 5 27.53 -14.74 -6.84
C SER A 5 27.79 -13.85 -5.62
N ALA A 6 28.26 -12.63 -5.87
CA ALA A 6 28.45 -11.62 -4.82
C ALA A 6 27.13 -10.89 -4.56
N HIS A 7 26.04 -11.49 -5.02
CA HIS A 7 24.72 -10.92 -4.88
C HIS A 7 23.74 -11.96 -4.37
N PRO A 8 23.75 -12.21 -3.04
CA PRO A 8 22.87 -13.20 -2.44
C PRO A 8 21.39 -12.88 -2.65
N GLU A 9 21.09 -11.61 -2.90
CA GLU A 9 19.70 -11.19 -3.14
C GLU A 9 19.12 -11.84 -4.40
N THR A 10 19.96 -12.34 -5.30
CA THR A 10 19.51 -12.96 -6.54
C THR A 10 19.00 -14.41 -6.36
N GLU A 11 19.13 -14.96 -5.16
CA GLU A 11 18.63 -16.33 -4.91
C GLU A 11 17.11 -16.34 -5.12
N PRO A 12 16.63 -17.14 -6.10
CA PRO A 12 15.19 -17.09 -6.41
C PRO A 12 14.28 -17.62 -5.31
N LYS A 13 13.13 -16.97 -5.17
CA LYS A 13 12.05 -17.43 -4.27
C LYS A 13 10.74 -17.12 -4.96
N TRP A 14 9.69 -17.91 -4.70
CA TRP A 14 8.42 -17.68 -5.36
C TRP A 14 7.95 -16.24 -5.16
N TRP A 15 8.15 -15.73 -3.95
CA TRP A 15 7.60 -14.45 -3.56
C TRP A 15 8.43 -13.26 -4.02
N LYS A 16 9.67 -13.51 -4.44
CA LYS A 16 10.51 -12.46 -5.02
C LYS A 16 10.03 -12.12 -6.42
N GLU A 17 9.71 -13.15 -7.21
CA GLU A 17 9.37 -12.95 -8.61
C GLU A 17 7.88 -13.01 -8.91
N ALA A 18 7.05 -13.23 -7.89
CA ALA A 18 5.61 -13.17 -8.04
C ALA A 18 5.16 -11.73 -8.27
N THR A 19 4.26 -11.52 -9.22
CA THR A 19 3.56 -10.24 -9.32
C THR A 19 2.30 -10.35 -8.50
N PHE A 20 2.15 -9.46 -7.52
CA PHE A 20 0.96 -9.45 -6.66
C PHE A 20 -0.08 -8.48 -7.21
N TYR A 21 -1.34 -8.87 -7.09
CA TYR A 21 -2.46 -8.00 -7.41
C TYR A 21 -3.21 -7.74 -6.11
N GLN A 22 -3.36 -6.47 -5.74
CA GLN A 22 -4.06 -6.13 -4.50
C GLN A 22 -5.52 -5.82 -4.77
N ILE A 23 -6.38 -6.52 -4.02
CA ILE A 23 -7.83 -6.40 -4.10
C ILE A 23 -8.34 -5.67 -2.86
N TYR A 24 -9.20 -4.67 -3.07
CA TYR A 24 -9.88 -3.98 -1.99
C TYR A 24 -11.30 -4.54 -1.97
N PRO A 25 -11.60 -5.42 -1.00
CA PRO A 25 -12.82 -6.23 -1.16
C PRO A 25 -14.12 -5.43 -1.28
N ALA A 26 -14.24 -4.30 -0.58
CA ALA A 26 -15.47 -3.50 -0.68
C ALA A 26 -15.71 -3.03 -2.10
N SER A 27 -14.63 -2.86 -2.87
CA SER A 27 -14.74 -2.16 -4.15
C SER A 27 -14.38 -2.97 -5.39
N PHE A 28 -14.15 -4.27 -5.25
CA PHE A 28 -13.71 -5.05 -6.40
C PHE A 28 -14.88 -5.58 -7.24
N LYS A 29 -15.71 -6.45 -6.67
CA LYS A 29 -16.86 -6.99 -7.42
C LYS A 29 -17.99 -7.42 -6.51
N ASP A 30 -19.15 -6.82 -6.73
CA ASP A 30 -20.39 -7.15 -6.01
C ASP A 30 -21.10 -8.25 -6.78
N SER A 31 -21.45 -9.34 -6.11
CA SER A 31 -22.15 -10.44 -6.79
C SER A 31 -23.63 -10.55 -6.41
N ASN A 32 -24.09 -9.71 -5.48
CA ASN A 32 -25.47 -9.83 -4.99
C ASN A 32 -26.23 -8.51 -4.91
N ASP A 33 -25.71 -7.49 -5.58
CA ASP A 33 -26.41 -6.21 -5.76
C ASP A 33 -26.74 -5.46 -4.48
N ASP A 34 -25.96 -5.69 -3.42
CA ASP A 34 -26.10 -4.88 -2.21
C ASP A 34 -25.16 -3.66 -2.19
N GLY A 35 -24.38 -3.49 -3.27
CA GLY A 35 -23.49 -2.34 -3.40
C GLY A 35 -22.12 -2.50 -2.79
N TRP A 36 -21.90 -3.63 -2.11
CA TRP A 36 -20.61 -3.95 -1.51
C TRP A 36 -19.99 -5.12 -2.25
N GLY A 37 -18.71 -4.99 -2.59
CA GLY A 37 -17.98 -6.10 -3.14
C GLY A 37 -17.99 -7.26 -2.15
N ASP A 38 -17.76 -8.46 -2.65
CA ASP A 38 -17.80 -9.63 -1.78
C ASP A 38 -16.92 -10.75 -2.32
N MET A 39 -16.83 -11.84 -1.57
CA MET A 39 -15.94 -12.93 -1.94
C MET A 39 -16.34 -13.69 -3.18
N LYS A 40 -17.64 -13.92 -3.36
CA LYS A 40 -18.11 -14.55 -4.61
C LYS A 40 -17.76 -13.68 -5.81
N GLY A 41 -17.86 -12.37 -5.63
CA GLY A 41 -17.45 -11.43 -6.66
C GLY A 41 -15.98 -11.60 -7.01
N ILE A 42 -15.12 -11.65 -5.98
CA ILE A 42 -13.69 -11.85 -6.21
C ILE A 42 -13.45 -13.18 -6.92
N ALA A 43 -14.09 -14.24 -6.44
CA ALA A 43 -13.93 -15.57 -7.03
C ALA A 43 -14.23 -15.54 -8.53
N SER A 44 -15.29 -14.83 -8.90
CA SER A 44 -15.73 -14.76 -10.29
C SER A 44 -14.74 -14.03 -11.20
N LYS A 45 -13.80 -13.30 -10.59
CA LYS A 45 -12.85 -12.49 -11.34
C LYS A 45 -11.41 -12.95 -11.21
N LEU A 46 -11.19 -14.11 -10.59
CA LEU A 46 -9.84 -14.63 -10.47
C LEU A 46 -9.19 -14.92 -11.82
N GLU A 47 -10.00 -15.36 -12.79
CA GLU A 47 -9.49 -15.63 -14.14
C GLU A 47 -8.97 -14.34 -14.79
N TYR A 48 -9.68 -13.24 -14.58
CA TYR A 48 -9.24 -11.92 -15.05
C TYR A 48 -7.87 -11.56 -14.47
N ILE A 49 -7.71 -11.79 -13.15
CA ILE A 49 -6.44 -11.50 -12.49
C ILE A 49 -5.31 -12.37 -13.04
N LYS A 50 -5.58 -13.64 -13.23
CA LYS A 50 -4.61 -14.56 -13.83
C LYS A 50 -4.25 -14.11 -15.24
N GLU A 51 -5.26 -13.75 -16.03
CA GLU A 51 -5.05 -13.31 -17.42
C GLU A 51 -4.23 -12.03 -17.51
N LEU A 52 -4.34 -11.16 -16.49
CA LEU A 52 -3.50 -9.98 -16.43
C LEU A 52 -2.01 -10.35 -16.38
N GLY A 53 -1.72 -11.46 -15.69
CA GLY A 53 -0.34 -11.88 -15.46
C GLY A 53 0.05 -11.92 -14.00
N ALA A 54 -0.89 -11.74 -13.09
CA ALA A 54 -0.58 -11.85 -11.66
C ALA A 54 -0.27 -13.29 -11.24
N ASP A 55 0.65 -13.42 -10.29
CA ASP A 55 1.08 -14.70 -9.72
C ASP A 55 0.50 -14.92 -8.33
N ALA A 56 -0.07 -13.86 -7.75
CA ALA A 56 -0.49 -13.88 -6.35
C ALA A 56 -1.46 -12.75 -6.11
N ILE A 57 -2.31 -12.93 -5.11
CA ILE A 57 -3.22 -11.87 -4.69
C ILE A 57 -3.04 -11.55 -3.21
N TRP A 58 -3.22 -10.27 -2.89
CA TRP A 58 -3.32 -9.79 -1.52
C TRP A 58 -4.70 -9.16 -1.41
N ILE A 59 -5.53 -9.69 -0.51
CA ILE A 59 -6.83 -9.09 -0.27
C ILE A 59 -6.77 -8.26 1.01
N SER A 60 -7.15 -6.98 0.91
CA SER A 60 -7.30 -6.11 2.08
C SER A 60 -8.32 -6.74 3.06
N PRO A 61 -8.34 -6.28 4.33
CA PRO A 61 -9.07 -6.98 5.38
C PRO A 61 -10.54 -7.27 5.06
N PHE A 62 -10.92 -8.52 5.26
CA PHE A 62 -12.27 -9.01 5.00
C PHE A 62 -12.87 -9.63 6.26
N TYR A 63 -12.22 -9.42 7.40
CA TYR A 63 -12.67 -9.98 8.67
C TYR A 63 -13.80 -9.15 9.26
N ASP A 64 -14.56 -9.76 10.16
CA ASP A 64 -15.65 -9.08 10.85
C ASP A 64 -15.15 -7.75 11.40
N SER A 65 -15.83 -6.67 11.01
CA SER A 65 -15.39 -5.30 11.28
C SER A 65 -16.57 -4.34 11.17
N PRO A 66 -16.69 -3.38 12.12
CA PRO A 66 -17.68 -2.31 11.97
C PRO A 66 -17.46 -1.38 10.78
N GLN A 67 -16.28 -1.48 10.14
CA GLN A 67 -15.94 -0.66 8.97
C GLN A 67 -15.66 0.81 9.29
N ASP A 68 -15.38 1.13 10.55
CA ASP A 68 -14.99 2.50 10.90
C ASP A 68 -13.70 2.93 10.20
N ASP A 69 -12.83 1.96 9.90
CA ASP A 69 -11.65 2.20 9.03
C ASP A 69 -11.65 1.15 7.93
N MET A 70 -12.85 0.89 7.43
CA MET A 70 -13.04 0.04 6.24
C MET A 70 -12.26 -1.27 6.30
N GLY A 71 -12.39 -1.93 7.43
CA GLY A 71 -11.83 -3.27 7.59
C GLY A 71 -10.58 -3.32 8.43
N TYR A 72 -9.89 -2.19 8.56
CA TYR A 72 -8.66 -2.13 9.36
C TYR A 72 -8.96 -2.02 10.86
N ASP A 73 -10.25 -2.02 11.21
CA ASP A 73 -10.73 -2.12 12.59
C ASP A 73 -11.43 -3.47 12.76
N ILE A 74 -10.67 -4.47 13.22
CA ILE A 74 -11.13 -5.86 13.18
C ILE A 74 -11.76 -6.29 14.51
N ALA A 75 -13.00 -6.77 14.44
CA ALA A 75 -13.73 -7.24 15.62
C ALA A 75 -13.54 -8.74 15.88
N ASN A 76 -13.07 -9.48 14.89
CA ASN A 76 -12.85 -10.92 15.03
C ASN A 76 -11.93 -11.39 13.91
N TYR A 77 -10.71 -11.78 14.27
CA TYR A 77 -9.74 -12.24 13.27
C TYR A 77 -10.13 -13.56 12.63
N GLU A 78 -11.02 -14.31 13.28
CA GLU A 78 -11.33 -15.68 12.86
C GLU A 78 -12.69 -15.81 12.19
N LYS A 79 -13.27 -14.68 11.82
CA LYS A 79 -14.58 -14.69 11.17
C LYS A 79 -14.59 -13.67 10.04
N VAL A 80 -15.01 -14.13 8.86
CA VAL A 80 -15.21 -13.25 7.72
C VAL A 80 -16.38 -12.32 8.00
N TRP A 81 -16.27 -11.05 7.61
CA TRP A 81 -17.39 -10.13 7.75
C TRP A 81 -18.58 -10.68 6.93
N PRO A 82 -19.74 -10.90 7.58
CA PRO A 82 -20.85 -11.56 6.84
C PRO A 82 -21.22 -10.95 5.49
N THR A 83 -21.12 -9.63 5.36
CA THR A 83 -21.39 -8.98 4.07
C THR A 83 -20.45 -9.46 2.95
N TYR A 84 -19.22 -9.81 3.30
CA TYR A 84 -18.30 -10.39 2.31
C TYR A 84 -18.54 -11.87 2.03
N GLY A 85 -19.07 -12.59 3.02
CA GLY A 85 -19.35 -14.02 2.88
C GLY A 85 -19.15 -14.75 4.19
N THR A 86 -19.10 -16.08 4.10
CA THR A 86 -18.83 -16.93 5.25
C THR A 86 -17.37 -17.35 5.24
N ASN A 87 -16.93 -17.94 6.35
CA ASN A 87 -15.60 -18.53 6.40
C ASN A 87 -15.39 -19.56 5.29
N GLU A 88 -16.41 -20.38 5.04
CA GLU A 88 -16.33 -21.36 3.95
C GLU A 88 -16.17 -20.69 2.59
N ASP A 89 -16.82 -19.54 2.38
CA ASP A 89 -16.63 -18.80 1.13
C ASP A 89 -15.16 -18.41 0.99
N CYS A 90 -14.56 -17.98 2.09
CA CYS A 90 -13.15 -17.60 2.07
C CYS A 90 -12.26 -18.80 1.79
N PHE A 91 -12.50 -19.92 2.45
CA PHE A 91 -11.70 -21.13 2.22
C PHE A 91 -11.84 -21.57 0.75
N ALA A 92 -13.05 -21.48 0.22
CA ALA A 92 -13.28 -21.81 -1.19
C ALA A 92 -12.54 -20.86 -2.12
N LEU A 93 -12.47 -19.59 -1.75
CA LEU A 93 -11.73 -18.60 -2.52
C LEU A 93 -10.23 -18.86 -2.51
N ILE A 94 -9.69 -19.20 -1.33
CA ILE A 94 -8.28 -19.56 -1.23
C ILE A 94 -7.98 -20.78 -2.11
N GLU A 95 -8.85 -21.78 -2.07
CA GLU A 95 -8.64 -22.98 -2.87
C GLU A 95 -8.73 -22.69 -4.37
N LYS A 96 -9.69 -21.86 -4.76
CA LYS A 96 -9.84 -21.51 -6.17
C LYS A 96 -8.62 -20.74 -6.70
N THR A 97 -8.10 -19.83 -5.86
CA THR A 97 -6.88 -19.10 -6.18
C THR A 97 -5.73 -20.08 -6.40
N HIS A 98 -5.56 -21.00 -5.45
CA HIS A 98 -4.54 -22.03 -5.54
C HIS A 98 -4.66 -22.90 -6.79
N LYS A 99 -5.89 -23.33 -7.10
CA LYS A 99 -6.11 -24.21 -8.24
C LYS A 99 -5.91 -23.52 -9.58
N LEU A 100 -5.90 -22.18 -9.59
CA LEU A 100 -5.52 -21.41 -10.76
C LEU A 100 -4.01 -21.17 -10.85
N GLY A 101 -3.26 -21.68 -9.88
CA GLY A 101 -1.81 -21.53 -9.87
C GLY A 101 -1.36 -20.18 -9.32
N MET A 102 -2.15 -19.60 -8.43
CA MET A 102 -1.78 -18.34 -7.79
C MET A 102 -1.66 -18.50 -6.28
N LYS A 103 -0.83 -17.65 -5.67
CA LYS A 103 -0.66 -17.62 -4.22
C LYS A 103 -1.63 -16.61 -3.60
N PHE A 104 -1.85 -16.73 -2.29
CA PHE A 104 -2.86 -15.93 -1.58
C PHE A 104 -2.25 -15.39 -0.29
N ILE A 105 -2.22 -14.07 -0.15
CA ILE A 105 -1.85 -13.47 1.14
C ILE A 105 -2.97 -12.63 1.72
N THR A 106 -3.02 -12.62 3.04
CA THR A 106 -4.03 -11.91 3.76
C THR A 106 -3.42 -10.76 4.57
N ASP A 107 -4.27 -9.79 4.95
CA ASP A 107 -3.80 -8.58 5.61
C ASP A 107 -3.82 -8.82 7.12
N LEU A 108 -2.66 -8.63 7.74
CA LEU A 108 -2.44 -8.91 9.16
C LEU A 108 -2.39 -7.59 9.90
N VAL A 109 -3.44 -7.31 10.67
CA VAL A 109 -3.69 -5.99 11.24
C VAL A 109 -3.72 -6.15 12.75
N ILE A 110 -2.54 -6.04 13.37
CA ILE A 110 -2.36 -6.44 14.78
C ILE A 110 -1.61 -5.41 15.61
N ASN A 111 -1.43 -4.21 15.07
CA ASN A 111 -1.08 -3.08 15.92
C ASN A 111 -2.26 -2.69 16.81
N HIS A 112 -3.47 -2.93 16.29
CA HIS A 112 -4.71 -2.47 16.91
C HIS A 112 -5.82 -3.40 16.46
N CYS A 113 -6.90 -3.41 17.23
CA CYS A 113 -8.13 -4.10 16.84
C CYS A 113 -9.31 -3.16 17.04
N SER A 114 -10.49 -3.61 16.64
CA SER A 114 -11.70 -2.84 16.89
C SER A 114 -12.02 -2.81 18.38
N SER A 115 -12.59 -1.70 18.83
CA SER A 115 -13.14 -1.66 20.18
C SER A 115 -14.32 -2.62 20.36
N GLU A 116 -14.83 -3.17 19.26
CA GLU A 116 -15.88 -4.18 19.31
C GLU A 116 -15.33 -5.59 19.44
N HIS A 117 -14.02 -5.76 19.36
CA HIS A 117 -13.42 -7.07 19.58
C HIS A 117 -13.69 -7.50 21.03
N GLU A 118 -13.99 -8.78 21.25
CA GLU A 118 -14.21 -9.28 22.61
C GLU A 118 -13.05 -8.97 23.57
N TRP A 119 -11.82 -8.94 23.06
CA TRP A 119 -10.69 -8.62 23.91
C TRP A 119 -10.85 -7.24 24.51
N PHE A 120 -11.27 -6.28 23.70
CA PHE A 120 -11.45 -4.91 24.16
C PHE A 120 -12.73 -4.73 24.98
N LYS A 121 -13.81 -5.39 24.59
CA LYS A 121 -15.03 -5.37 25.41
C LYS A 121 -14.72 -5.83 26.82
N GLU A 122 -13.90 -6.87 26.96
CA GLU A 122 -13.48 -7.31 28.30
C GLU A 122 -12.54 -6.29 28.95
N SER A 123 -11.50 -5.88 28.23
CA SER A 123 -10.52 -4.93 28.76
C SER A 123 -11.16 -3.67 29.33
N ARG A 124 -12.13 -3.12 28.61
CA ARG A 124 -12.74 -1.84 28.98
C ARG A 124 -13.78 -1.98 30.11
N SER A 125 -14.14 -3.22 30.46
CA SER A 125 -15.26 -3.47 31.37
C SER A 125 -14.97 -3.06 32.82
N SER A 126 -13.69 -3.00 33.18
CA SER A 126 -13.28 -2.68 34.55
C SER A 126 -11.78 -2.43 34.51
N LYS A 127 -11.21 -2.00 35.64
CA LYS A 127 -9.77 -1.80 35.75
C LYS A 127 -9.06 -3.07 36.22
N THR A 128 -9.83 -4.10 36.57
CA THR A 128 -9.29 -5.26 37.29
C THR A 128 -9.33 -6.56 36.50
N ASN A 129 -9.97 -6.54 35.32
CA ASN A 129 -10.14 -7.75 34.53
C ASN A 129 -8.80 -8.23 33.91
N PRO A 130 -8.72 -9.54 33.58
CA PRO A 130 -7.46 -10.13 33.07
C PRO A 130 -6.91 -9.52 31.79
N LYS A 131 -7.75 -8.81 31.04
CA LYS A 131 -7.32 -8.19 29.77
C LYS A 131 -7.14 -6.67 29.85
N ARG A 132 -7.18 -6.11 31.06
CA ARG A 132 -7.01 -4.67 31.19
C ARG A 132 -5.74 -4.20 30.51
N ASP A 133 -4.64 -4.93 30.74
CA ASP A 133 -3.34 -4.50 30.23
C ASP A 133 -3.02 -5.05 28.83
N TRP A 134 -4.05 -5.52 28.11
CA TRP A 134 -3.89 -5.88 26.71
C TRP A 134 -3.96 -4.65 25.79
N PHE A 135 -4.30 -3.51 26.39
CA PHE A 135 -4.39 -2.22 25.69
C PHE A 135 -3.69 -1.19 26.55
N PHE A 136 -3.57 0.04 26.07
CA PHE A 136 -2.91 1.11 26.82
C PHE A 136 -3.95 2.02 27.49
N TRP A 137 -4.10 1.87 28.81
CA TRP A 137 -5.04 2.66 29.60
C TRP A 137 -4.27 3.59 30.51
N ARG A 138 -4.63 4.87 30.50
CA ARG A 138 -3.97 5.85 31.36
C ARG A 138 -4.99 6.85 31.91
N PRO A 139 -4.79 7.32 33.14
CA PRO A 139 -5.69 8.33 33.67
C PRO A 139 -5.52 9.66 32.92
N PRO A 140 -6.51 10.57 33.02
CA PRO A 140 -6.32 11.91 32.47
C PRO A 140 -5.08 12.58 33.07
N LYS A 141 -4.41 13.39 32.27
CA LYS A 141 -3.26 14.18 32.76
C LYS A 141 -3.75 15.17 33.81
N GLY A 142 -4.99 15.63 33.62
CA GLY A 142 -5.68 16.54 34.53
C GLY A 142 -7.01 16.85 33.86
N TYR A 143 -7.61 17.98 34.26
CA TYR A 143 -8.83 18.48 33.63
C TYR A 143 -8.60 19.93 33.23
N ASP A 144 -9.14 20.34 32.09
CA ASP A 144 -8.94 21.70 31.62
C ASP A 144 -9.89 22.69 32.27
N ALA A 145 -9.78 23.96 31.89
CA ALA A 145 -10.57 25.04 32.48
C ALA A 145 -12.07 24.87 32.27
N GLU A 146 -12.44 24.11 31.25
CA GLU A 146 -13.84 23.83 30.94
C GLU A 146 -14.33 22.53 31.58
N GLY A 147 -13.41 21.81 32.23
CA GLY A 147 -13.76 20.60 32.95
C GLY A 147 -13.60 19.30 32.17
N LYS A 148 -13.09 19.40 30.96
CA LYS A 148 -12.87 18.21 30.13
C LYS A 148 -11.56 17.54 30.50
N PRO A 149 -11.54 16.19 30.51
CA PRO A 149 -10.29 15.50 30.84
C PRO A 149 -9.23 15.78 29.77
N ILE A 150 -7.99 15.90 30.20
CA ILE A 150 -6.85 16.16 29.32
C ILE A 150 -6.18 14.81 29.03
N PRO A 151 -5.91 14.50 27.75
CA PRO A 151 -5.30 13.19 27.46
C PRO A 151 -3.90 13.03 28.05
N PRO A 152 -3.44 11.77 28.21
CA PRO A 152 -2.16 11.53 28.89
C PRO A 152 -0.97 12.18 28.24
N ASN A 153 -1.01 12.36 26.92
CA ASN A 153 0.07 13.04 26.21
C ASN A 153 -0.44 13.78 24.98
N ASN A 154 0.47 14.42 24.24
CA ASN A 154 0.12 15.28 23.13
C ASN A 154 0.08 14.58 21.77
N TRP A 155 0.07 13.25 21.76
CA TRP A 155 0.19 12.51 20.50
C TRP A 155 -1.01 12.70 19.58
N LYS A 156 -0.68 12.80 18.29
CA LYS A 156 -1.65 12.96 17.21
C LYS A 156 -2.01 11.62 16.61
N SER A 157 -3.29 11.43 16.34
CA SER A 157 -3.77 10.28 15.58
C SER A 157 -3.30 10.39 14.14
N TYR A 158 -3.06 9.23 13.52
CA TYR A 158 -2.77 9.17 12.09
C TYR A 158 -3.89 9.76 11.24
N PHE A 159 -5.08 9.90 11.81
CA PHE A 159 -6.21 10.47 11.09
C PHE A 159 -6.58 11.88 11.58
N GLY A 160 -5.74 12.47 12.42
CA GLY A 160 -6.00 13.81 12.95
C GLY A 160 -6.58 13.84 14.35
N GLY A 161 -6.34 14.93 15.06
CA GLY A 161 -6.77 15.05 16.46
C GLY A 161 -5.95 14.18 17.40
N SER A 162 -6.41 14.08 18.64
CA SER A 162 -5.73 13.33 19.69
C SER A 162 -5.72 11.82 19.44
N ALA A 163 -4.63 11.18 19.85
CA ALA A 163 -4.48 9.72 19.74
C ALA A 163 -5.04 8.99 20.97
N TRP A 164 -5.90 9.64 21.73
CA TRP A 164 -6.53 9.00 22.90
C TRP A 164 -8.05 9.19 22.88
N THR A 165 -8.77 8.22 23.43
CA THR A 165 -10.21 8.33 23.63
C THR A 165 -10.54 8.06 25.09
N PHE A 166 -11.39 8.91 25.66
CA PHE A 166 -11.79 8.77 27.05
C PHE A 166 -12.92 7.75 27.22
N ASP A 167 -12.75 6.86 28.18
CA ASP A 167 -13.79 5.90 28.53
C ASP A 167 -14.50 6.35 29.80
N GLU A 168 -15.79 6.66 29.66
CA GLU A 168 -16.58 7.14 30.77
C GLU A 168 -16.66 6.15 31.92
N LYS A 169 -16.86 4.87 31.60
CA LYS A 169 -17.10 3.86 32.65
C LYS A 169 -15.93 3.73 33.63
N THR A 170 -14.73 3.55 33.08
CA THR A 170 -13.54 3.31 33.91
C THR A 170 -12.71 4.58 34.14
N GLN A 171 -13.12 5.70 33.55
CA GLN A 171 -12.53 7.01 33.85
C GLN A 171 -11.06 7.10 33.45
N GLU A 172 -10.71 6.39 32.38
CA GLU A 172 -9.35 6.44 31.83
C GLU A 172 -9.40 6.59 30.32
N PHE A 173 -8.30 7.09 29.75
CA PHE A 173 -8.13 7.17 28.30
C PHE A 173 -7.52 5.87 27.80
N TYR A 174 -7.87 5.46 26.59
CA TYR A 174 -7.14 4.40 25.90
C TYR A 174 -6.48 4.94 24.62
N LEU A 175 -5.32 4.38 24.30
CA LEU A 175 -4.55 4.80 23.14
C LEU A 175 -5.16 4.23 21.86
N ARG A 176 -5.29 5.10 20.88
CA ARG A 176 -5.68 4.69 19.53
C ARG A 176 -4.98 5.60 18.52
N LEU A 177 -3.85 5.11 17.99
CA LEU A 177 -3.14 5.87 16.97
C LEU A 177 -3.99 6.11 15.73
N PHE A 178 -4.94 5.21 15.46
CA PHE A 178 -5.80 5.35 14.30
C PHE A 178 -7.14 5.95 14.71
N CYS A 179 -8.28 5.40 14.31
CA CYS A 179 -9.54 6.06 14.68
C CYS A 179 -9.94 5.71 16.11
N SER A 180 -10.98 6.35 16.62
CA SER A 180 -11.36 6.21 18.02
C SER A 180 -11.71 4.77 18.41
N THR A 181 -12.12 3.96 17.43
CA THR A 181 -12.52 2.59 17.70
C THR A 181 -11.46 1.57 17.24
N GLN A 182 -10.21 2.03 17.18
CA GLN A 182 -9.06 1.15 16.90
C GLN A 182 -8.03 1.19 18.04
N PRO A 183 -8.40 0.69 19.23
CA PRO A 183 -7.43 0.70 20.33
C PRO A 183 -6.16 -0.09 20.00
N ASP A 184 -5.00 0.51 20.31
CA ASP A 184 -3.71 -0.16 20.10
C ASP A 184 -3.56 -1.32 21.07
N LEU A 185 -3.12 -2.45 20.53
CA LEU A 185 -2.82 -3.62 21.35
C LEU A 185 -1.49 -3.43 22.05
N ASN A 186 -1.42 -3.87 23.30
CA ASN A 186 -0.22 -3.73 24.12
C ASN A 186 0.70 -4.92 23.98
N TRP A 187 1.66 -4.80 23.09
CA TRP A 187 2.62 -5.88 22.84
C TRP A 187 3.60 -6.13 24.00
N GLU A 188 3.62 -5.24 24.99
CA GLU A 188 4.42 -5.51 26.19
C GLU A 188 3.84 -6.66 27.00
N ASN A 189 2.56 -6.93 26.79
CA ASN A 189 1.89 -8.01 27.48
C ASN A 189 2.07 -9.31 26.69
N GLU A 190 2.81 -10.25 27.25
CA GLU A 190 3.12 -11.51 26.55
C GLU A 190 1.89 -12.37 26.26
N ASP A 191 0.92 -12.39 27.17
CA ASP A 191 -0.32 -13.14 26.94
C ASP A 191 -1.06 -12.55 25.74
N CYS A 192 -1.06 -11.23 25.63
CA CYS A 192 -1.67 -10.55 24.49
C CYS A 192 -0.97 -10.96 23.19
N ARG A 193 0.35 -10.88 23.14
CA ARG A 193 1.08 -11.30 21.93
C ARG A 193 0.72 -12.73 21.52
N LYS A 194 0.69 -13.64 22.49
CA LYS A 194 0.41 -15.04 22.17
C LYS A 194 -1.00 -15.24 21.62
N ALA A 195 -1.97 -14.50 22.17
CA ALA A 195 -3.35 -14.55 21.69
C ALA A 195 -3.49 -13.96 20.29
N ILE A 196 -2.74 -12.87 20.04
CA ILE A 196 -2.66 -12.29 18.69
C ILE A 196 -2.13 -13.35 17.72
N TYR A 197 -1.04 -14.02 18.07
CA TYR A 197 -0.50 -15.01 17.13
C TYR A 197 -1.51 -16.10 16.85
N GLU A 198 -2.16 -16.61 17.89
CA GLU A 198 -3.09 -17.73 17.71
C GLU A 198 -4.26 -17.35 16.80
N SER A 199 -4.82 -16.17 17.04
CA SER A 199 -6.05 -15.77 16.38
C SER A 199 -5.83 -15.17 14.98
N ALA A 200 -4.90 -14.22 14.88
CA ALA A 200 -4.69 -13.48 13.64
C ALA A 200 -3.74 -14.18 12.68
N VAL A 201 -2.83 -14.98 13.22
CA VAL A 201 -1.79 -15.62 12.41
C VAL A 201 -2.03 -17.12 12.26
N GLY A 202 -2.08 -17.83 13.39
CA GLY A 202 -2.25 -19.29 13.37
C GLY A 202 -3.50 -19.75 12.66
N TYR A 203 -4.62 -19.09 12.90
CA TYR A 203 -5.87 -19.49 12.27
C TYR A 203 -5.72 -19.49 10.75
N TRP A 204 -5.08 -18.46 10.21
CA TRP A 204 -4.97 -18.30 8.76
C TRP A 204 -3.91 -19.21 8.15
N LEU A 205 -2.85 -19.47 8.91
CA LEU A 205 -1.88 -20.50 8.50
C LEU A 205 -2.55 -21.88 8.43
N ASP A 206 -3.41 -22.17 9.40
CA ASP A 206 -4.14 -23.44 9.42
C ASP A 206 -5.10 -23.55 8.24
N HIS A 207 -5.48 -22.42 7.66
CA HIS A 207 -6.39 -22.41 6.52
C HIS A 207 -5.72 -22.01 5.20
N GLY A 208 -4.41 -22.19 5.15
CA GLY A 208 -3.72 -22.29 3.87
C GLY A 208 -3.23 -21.02 3.21
N VAL A 209 -3.19 -19.91 3.93
CA VAL A 209 -2.59 -18.70 3.34
C VAL A 209 -1.10 -18.91 3.05
N ASP A 210 -0.60 -18.18 2.06
CA ASP A 210 0.81 -18.25 1.66
C ASP A 210 1.62 -17.14 2.29
N GLY A 211 0.95 -16.26 3.03
CA GLY A 211 1.68 -15.18 3.66
C GLY A 211 0.78 -14.09 4.15
N PHE A 212 1.41 -13.00 4.59
CA PHE A 212 0.74 -11.88 5.21
C PHE A 212 1.33 -10.58 4.72
N ARG A 213 0.45 -9.61 4.48
CA ARG A 213 0.85 -8.22 4.36
C ARG A 213 0.58 -7.63 5.75
N ILE A 214 1.60 -7.02 6.36
CA ILE A 214 1.52 -6.68 7.78
C ILE A 214 1.33 -5.18 7.97
N ASP A 215 0.12 -4.82 8.39
CA ASP A 215 -0.31 -3.44 8.52
C ASP A 215 0.47 -2.70 9.61
N VAL A 216 0.99 -1.52 9.25
CA VAL A 216 1.81 -0.68 10.13
C VAL A 216 2.64 -1.52 11.12
N GLY A 217 3.39 -2.46 10.58
CA GLY A 217 4.09 -3.44 11.39
C GLY A 217 5.20 -2.84 12.21
N SER A 218 5.53 -1.59 11.94
CA SER A 218 6.61 -0.90 12.62
C SER A 218 6.14 -0.15 13.88
N LEU A 219 4.87 -0.32 14.26
CA LEU A 219 4.30 0.45 15.35
C LEU A 219 4.09 -0.33 16.65
N TYR A 220 4.41 -1.61 16.67
CA TYR A 220 4.08 -2.45 17.83
C TYR A 220 4.83 -2.09 19.12
N SER A 221 5.99 -1.47 18.99
CA SER A 221 6.84 -1.18 20.16
C SER A 221 6.75 0.28 20.53
N LYS A 222 6.11 0.56 21.66
CA LYS A 222 6.00 1.92 22.19
C LYS A 222 7.13 2.13 23.19
N VAL A 223 7.74 3.31 23.12
CA VAL A 223 8.75 3.69 24.12
C VAL A 223 8.05 3.82 25.47
N VAL A 224 8.67 3.23 26.50
CA VAL A 224 8.09 3.22 27.85
C VAL A 224 7.75 4.63 28.31
N GLY A 225 6.63 4.74 29.00
CA GLY A 225 6.18 6.00 29.56
C GLY A 225 5.30 6.82 28.63
N LEU A 226 5.27 6.44 27.35
CA LEU A 226 4.49 7.16 26.32
C LEU A 226 4.67 8.68 26.44
N PRO A 227 5.93 9.14 26.37
CA PRO A 227 6.17 10.55 26.69
C PRO A 227 5.61 11.50 25.65
N ASP A 228 5.28 12.71 26.09
CA ASP A 228 4.95 13.79 25.16
C ASP A 228 5.97 13.89 24.04
N ALA A 229 5.48 14.00 22.82
CA ALA A 229 6.33 14.09 21.63
C ALA A 229 6.87 15.51 21.46
N PRO A 230 8.02 15.65 20.76
CA PRO A 230 8.55 16.97 20.46
C PRO A 230 7.52 17.85 19.74
N VAL A 231 7.48 19.13 20.09
CA VAL A 231 6.59 20.07 19.43
C VAL A 231 7.23 20.56 18.12
N VAL A 232 7.12 19.74 17.08
CA VAL A 232 7.74 20.04 15.78
C VAL A 232 6.84 20.86 14.87
N ASP A 233 5.54 20.76 15.11
CA ASP A 233 4.55 21.51 14.33
C ASP A 233 4.00 22.62 15.21
N LYS A 234 4.40 23.86 14.91
CA LYS A 234 4.00 25.02 15.70
C LYS A 234 2.57 25.51 15.44
N ASN A 235 1.88 24.85 14.52
CA ASN A 235 0.49 25.22 14.21
C ASN A 235 -0.47 24.03 14.38
N SER A 236 -0.12 23.13 15.30
CA SER A 236 -0.93 21.97 15.59
C SER A 236 -0.91 21.65 17.07
N THR A 237 -2.10 21.40 17.61
CA THR A 237 -2.27 21.03 19.01
C THR A 237 -1.60 19.68 19.30
N TRP A 238 -1.72 18.77 18.36
CA TRP A 238 -1.24 17.41 18.56
C TRP A 238 0.00 17.17 17.71
N GLN A 239 0.88 16.32 18.21
CA GLN A 239 2.18 16.11 17.58
C GLN A 239 2.41 14.66 17.18
N SER A 240 3.13 14.47 16.09
CA SER A 240 3.51 13.14 15.65
C SER A 240 4.18 12.35 16.78
N SER A 241 3.73 11.12 16.97
CA SER A 241 4.29 10.23 17.98
C SER A 241 5.51 9.44 17.48
N ASP A 242 5.90 9.66 16.22
CA ASP A 242 6.93 8.82 15.56
C ASP A 242 8.15 8.48 16.42
N PRO A 243 8.77 9.49 17.10
CA PRO A 243 9.97 9.14 17.88
C PRO A 243 9.74 8.03 18.90
N TYR A 244 8.49 7.88 19.35
CA TYR A 244 8.17 6.96 20.43
C TYR A 244 7.31 5.76 20.02
N THR A 245 6.88 5.71 18.77
CA THR A 245 6.03 4.62 18.29
C THR A 245 6.55 3.95 17.02
N LEU A 246 7.39 4.64 16.27
CA LEU A 246 7.89 4.10 15.00
C LEU A 246 9.23 3.41 15.22
N ASN A 247 9.31 2.15 14.81
CA ASN A 247 10.53 1.35 14.98
C ASN A 247 11.08 1.42 16.40
N GLY A 248 10.20 1.12 17.36
CA GLY A 248 10.53 1.18 18.78
C GLY A 248 11.56 0.14 19.19
N PRO A 249 12.05 0.25 20.42
CA PRO A 249 13.21 -0.55 20.85
C PRO A 249 13.00 -2.06 20.84
N ARG A 250 11.74 -2.52 20.92
CA ARG A 250 11.47 -3.96 20.91
C ARG A 250 10.95 -4.46 19.57
N ILE A 251 11.00 -3.63 18.54
CA ILE A 251 10.30 -3.97 17.30
C ILE A 251 10.89 -5.21 16.61
N HIS A 252 12.20 -5.35 16.65
CA HIS A 252 12.84 -6.52 16.05
C HIS A 252 12.63 -7.78 16.86
N GLU A 253 12.65 -7.63 18.18
CA GLU A 253 12.35 -8.73 19.08
C GLU A 253 10.96 -9.29 18.77
N PHE A 254 9.99 -8.38 18.61
CA PHE A 254 8.61 -8.79 18.31
C PHE A 254 8.51 -9.46 16.95
N HIS A 255 9.16 -8.90 15.93
CA HIS A 255 9.10 -9.51 14.61
C HIS A 255 9.83 -10.83 14.51
N GLN A 256 10.91 -10.99 15.26
CA GLN A 256 11.58 -12.29 15.32
C GLN A 256 10.70 -13.33 16.01
N GLU A 257 10.03 -12.93 17.10
CA GLU A 257 9.13 -13.83 17.80
C GLU A 257 7.97 -14.29 16.92
N MET A 258 7.37 -13.36 16.18
CA MET A 258 6.27 -13.70 15.30
C MET A 258 6.73 -14.59 14.15
N ASN A 259 7.91 -14.29 13.59
CA ASN A 259 8.50 -15.13 12.56
C ASN A 259 8.68 -16.57 13.03
N GLN A 260 9.18 -16.72 14.26
CA GLN A 260 9.38 -18.06 14.81
C GLN A 260 8.04 -18.77 15.02
N PHE A 261 7.04 -18.02 15.48
CA PHE A 261 5.71 -18.56 15.61
C PHE A 261 5.21 -19.13 14.28
N ILE A 262 5.35 -18.36 13.21
CA ILE A 262 4.93 -18.76 11.88
C ILE A 262 5.66 -20.04 11.44
N ARG A 263 6.99 -20.04 11.59
CA ARG A 263 7.80 -21.19 11.20
C ARG A 263 7.36 -22.46 11.92
N ASN A 264 7.05 -22.35 13.21
CA ASN A 264 6.65 -23.50 14.02
C ASN A 264 5.20 -23.90 13.86
N ARG A 265 4.38 -23.03 13.28
CA ARG A 265 2.94 -23.29 13.13
C ARG A 265 2.59 -23.90 11.77
N VAL A 266 3.34 -23.53 10.74
CA VAL A 266 3.16 -24.13 9.42
C VAL A 266 3.31 -25.65 9.56
N LYS A 267 2.37 -26.39 8.96
CA LYS A 267 2.32 -27.85 9.12
C LYS A 267 2.90 -28.64 7.96
N ASP A 268 3.01 -27.99 6.80
CA ASP A 268 3.37 -28.69 5.56
C ASP A 268 4.67 -28.21 4.91
N GLY A 269 5.48 -27.46 5.66
CA GLY A 269 6.79 -27.01 5.19
C GLY A 269 6.79 -25.93 4.12
N ARG A 270 5.62 -25.38 3.81
CA ARG A 270 5.53 -24.39 2.73
C ARG A 270 6.21 -23.07 3.09
N GLU A 271 6.64 -22.36 2.05
CA GLU A 271 7.36 -21.09 2.18
C GLU A 271 6.37 -19.95 2.32
N ILE A 272 6.42 -19.27 3.48
CA ILE A 272 5.53 -18.17 3.83
C ILE A 272 6.22 -16.82 3.59
N MET A 273 5.56 -15.94 2.84
CA MET A 273 6.06 -14.58 2.65
C MET A 273 5.41 -13.62 3.65
N THR A 274 6.20 -12.71 4.20
CA THR A 274 5.65 -11.59 4.93
C THR A 274 6.15 -10.29 4.32
N VAL A 275 5.21 -9.41 3.99
CA VAL A 275 5.58 -8.06 3.56
C VAL A 275 5.08 -7.05 4.60
N GLY A 276 6.02 -6.33 5.20
CA GLY A 276 5.66 -5.38 6.24
C GLY A 276 5.41 -4.01 5.68
N ALA A 277 4.29 -3.40 6.04
CA ALA A 277 4.05 -1.99 5.72
C ALA A 277 4.71 -1.17 6.82
N MET A 278 6.00 -0.92 6.64
CA MET A 278 6.82 -0.40 7.73
C MET A 278 6.94 1.12 7.73
N GLN A 279 6.46 1.73 6.64
CA GLN A 279 6.30 3.19 6.52
C GLN A 279 7.61 3.91 6.28
N HIS A 280 8.48 3.96 7.28
CA HIS A 280 9.74 4.67 7.17
C HIS A 280 10.78 3.94 7.99
N ALA A 281 12.01 3.92 7.49
CA ALA A 281 13.10 3.21 8.15
C ALA A 281 14.42 3.60 7.50
N SER A 282 15.46 3.74 8.30
CA SER A 282 16.80 3.92 7.76
C SER A 282 17.18 2.64 7.01
N ASP A 283 18.21 2.72 6.16
CA ASP A 283 18.70 1.54 5.46
C ASP A 283 19.12 0.45 6.43
N GLU A 284 19.75 0.82 7.54
CA GLU A 284 20.13 -0.17 8.56
C GLU A 284 18.89 -0.85 9.14
N THR A 285 17.87 -0.06 9.49
CA THR A 285 16.62 -0.63 10.00
C THR A 285 15.99 -1.57 8.97
N LYS A 286 15.97 -1.15 7.70
CA LYS A 286 15.45 -2.00 6.63
C LYS A 286 16.18 -3.34 6.58
N ARG A 287 17.51 -3.31 6.68
CA ARG A 287 18.31 -4.54 6.66
C ARG A 287 18.00 -5.44 7.85
N LEU A 288 17.80 -4.82 9.02
CA LEU A 288 17.47 -5.60 10.22
C LEU A 288 16.12 -6.31 10.06
N TYR A 289 15.22 -5.68 9.29
CA TYR A 289 13.91 -6.27 9.04
C TYR A 289 13.90 -7.33 7.95
N THR A 290 14.67 -7.14 6.87
CA THR A 290 14.47 -7.97 5.67
C THR A 290 15.61 -8.89 5.29
N SER A 291 16.76 -8.76 5.94
CA SER A 291 17.82 -9.74 5.76
C SER A 291 17.28 -11.14 6.08
N ALA A 292 17.43 -12.07 5.15
CA ALA A 292 16.91 -13.42 5.36
C ALA A 292 17.43 -14.03 6.66
N SER A 293 18.70 -13.77 6.95
CA SER A 293 19.34 -14.32 8.15
C SER A 293 18.80 -13.75 9.45
N ARG A 294 18.05 -12.66 9.38
CA ARG A 294 17.42 -12.05 10.56
C ARG A 294 16.12 -12.74 10.98
N HIS A 295 15.50 -13.49 10.07
CA HIS A 295 14.23 -14.17 10.33
C HIS A 295 13.21 -13.23 10.94
N GLU A 296 13.00 -12.13 10.21
CA GLU A 296 11.92 -11.20 10.51
C GLU A 296 10.98 -11.19 9.30
N LEU A 297 11.05 -10.16 8.45
CA LEU A 297 10.18 -10.02 7.29
C LEU A 297 10.85 -10.51 6.02
N SER A 298 10.05 -10.88 5.03
CA SER A 298 10.59 -11.17 3.69
C SER A 298 11.00 -9.89 2.96
N GLU A 299 10.24 -8.82 3.19
CA GLU A 299 10.38 -7.57 2.45
C GLU A 299 9.52 -6.52 3.12
N LEU A 300 9.68 -5.24 2.74
CA LEU A 300 8.86 -4.20 3.31
C LEU A 300 8.48 -3.12 2.29
N PHE A 301 7.38 -2.44 2.60
CA PHE A 301 6.99 -1.21 1.93
C PHE A 301 7.57 -0.03 2.70
N ASN A 302 8.20 0.88 1.97
CA ASN A 302 8.74 2.14 2.48
C ASN A 302 8.05 3.25 1.71
N PHE A 303 7.58 4.28 2.40
CA PHE A 303 6.61 5.22 1.80
C PHE A 303 7.19 6.49 1.19
N SER A 304 8.51 6.61 1.12
CA SER A 304 9.10 7.87 0.66
C SER A 304 8.61 8.29 -0.72
N HIS A 305 8.41 7.33 -1.63
CA HIS A 305 8.02 7.65 -3.00
C HIS A 305 6.57 8.10 -3.11
N THR A 306 5.75 7.67 -2.16
CA THR A 306 4.36 8.09 -2.13
C THR A 306 4.14 9.32 -1.25
N ASP A 307 5.21 9.75 -0.56
CA ASP A 307 5.19 10.98 0.26
C ASP A 307 5.57 12.21 -0.54
N VAL A 308 6.23 12.03 -1.68
CA VAL A 308 6.72 13.19 -2.41
C VAL A 308 5.58 14.15 -2.73
N GLY A 309 5.85 15.43 -2.60
CA GLY A 309 4.85 16.46 -2.84
C GLY A 309 3.89 16.71 -1.68
N THR A 310 4.18 16.11 -0.52
CA THR A 310 3.41 16.34 0.70
C THR A 310 4.35 16.78 1.82
N SER A 311 3.87 17.66 2.68
CA SER A 311 4.68 18.15 3.78
C SER A 311 4.97 17.04 4.79
N PRO A 312 6.24 16.95 5.27
CA PRO A 312 6.57 16.02 6.34
C PRO A 312 5.75 16.22 7.61
N LEU A 313 5.29 17.45 7.86
CA LEU A 313 4.49 17.75 9.05
C LEU A 313 3.03 17.32 8.93
N PHE A 314 2.52 17.29 7.71
CA PHE A 314 1.10 17.01 7.47
C PHE A 314 0.92 16.58 6.02
N ARG A 315 0.47 15.34 5.85
CA ARG A 315 0.31 14.78 4.52
C ARG A 315 -0.64 15.59 3.65
N TYR A 316 -1.59 16.26 4.29
CA TYR A 316 -2.59 17.03 3.55
C TYR A 316 -2.26 18.52 3.43
N ASN A 317 -0.96 18.81 3.38
CA ASN A 317 -0.47 20.09 2.89
C ASN A 317 0.51 19.78 1.76
N LEU A 318 0.19 20.22 0.56
CA LEU A 318 1.02 19.96 -0.62
C LEU A 318 2.25 20.85 -0.64
N VAL A 319 3.35 20.30 -1.13
CA VAL A 319 4.58 21.06 -1.36
C VAL A 319 5.11 20.72 -2.75
N PRO A 320 5.91 21.61 -3.36
CA PRO A 320 6.50 21.29 -4.66
C PRO A 320 7.52 20.14 -4.56
N PHE A 321 7.65 19.40 -5.66
CA PHE A 321 8.73 18.42 -5.79
C PHE A 321 9.17 18.34 -7.24
N GLU A 322 10.37 17.82 -7.47
CA GLU A 322 10.88 17.61 -8.82
C GLU A 322 11.16 16.13 -9.03
N LEU A 323 11.37 15.75 -10.28
CA LEU A 323 11.53 14.35 -10.63
C LEU A 323 12.62 13.66 -9.81
N LYS A 324 13.75 14.33 -9.62
CA LYS A 324 14.84 13.76 -8.82
C LYS A 324 14.37 13.31 -7.43
N ASP A 325 13.48 14.07 -6.82
CA ASP A 325 12.96 13.70 -5.50
C ASP A 325 12.28 12.34 -5.53
N TRP A 326 11.50 12.12 -6.58
CA TRP A 326 10.78 10.87 -6.77
C TRP A 326 11.73 9.73 -7.15
N LYS A 327 12.72 10.00 -8.00
CA LYS A 327 13.74 9.00 -8.34
C LYS A 327 14.42 8.45 -7.08
N ILE A 328 14.91 9.36 -6.25
CA ILE A 328 15.63 9.01 -5.02
C ILE A 328 14.72 8.25 -4.07
N ALA A 329 13.47 8.72 -3.94
CA ALA A 329 12.52 8.09 -3.04
C ALA A 329 12.16 6.66 -3.49
N LEU A 330 11.99 6.48 -4.80
CA LEU A 330 11.76 5.14 -5.34
C LEU A 330 12.96 4.23 -5.08
N ALA A 331 14.15 4.75 -5.33
CA ALA A 331 15.37 3.97 -5.14
C ALA A 331 15.57 3.54 -3.70
N GLU A 332 14.97 4.26 -2.76
CA GLU A 332 15.03 3.87 -1.35
C GLU A 332 14.45 2.46 -1.13
N LEU A 333 13.53 2.06 -2.01
CA LEU A 333 12.91 0.73 -1.90
C LEU A 333 13.92 -0.39 -2.10
N PHE A 334 14.90 -0.19 -2.98
CA PHE A 334 15.68 -1.33 -3.48
C PHE A 334 17.20 -1.21 -3.43
N ARG A 335 17.76 -0.02 -3.38
CA ARG A 335 19.21 0.08 -3.46
C ARG A 335 19.90 -0.61 -2.28
N TYR A 336 19.27 -0.54 -1.10
CA TYR A 336 19.88 -1.10 0.09
C TYR A 336 20.11 -2.60 0.03
N ILE A 337 19.39 -3.30 -0.85
CA ILE A 337 19.55 -4.76 -0.90
C ILE A 337 20.77 -5.22 -1.69
N ASN A 338 21.41 -4.31 -2.40
CA ASN A 338 22.52 -4.67 -3.27
C ASN A 338 23.64 -5.37 -2.49
N GLY A 339 23.96 -6.61 -2.89
CA GLY A 339 25.01 -7.37 -2.22
C GLY A 339 24.66 -7.85 -0.84
N THR A 340 23.38 -8.10 -0.59
CA THR A 340 22.90 -8.58 0.71
C THR A 340 21.94 -9.73 0.52
N ASP A 341 21.45 -10.30 1.63
CA ASP A 341 20.38 -11.29 1.58
C ASP A 341 19.02 -10.67 1.91
N CYS A 342 18.88 -9.37 1.67
CA CYS A 342 17.61 -8.66 1.81
C CYS A 342 16.79 -8.73 0.52
N TRP A 343 15.53 -8.27 0.60
CA TRP A 343 14.68 -8.21 -0.58
C TRP A 343 13.74 -7.01 -0.50
N SER A 344 13.35 -6.52 -1.68
CA SER A 344 12.62 -5.26 -1.84
C SER A 344 11.21 -5.44 -2.41
N THR A 345 10.43 -4.36 -2.30
CA THR A 345 9.12 -4.25 -2.95
C THR A 345 9.16 -3.12 -3.98
N ILE A 346 8.25 -3.20 -4.97
CA ILE A 346 8.10 -2.19 -6.01
C ILE A 346 6.61 -1.97 -6.19
N TYR A 347 6.16 -0.74 -5.98
CA TYR A 347 4.73 -0.41 -6.15
C TYR A 347 4.56 1.09 -6.25
N LEU A 348 3.45 1.52 -6.84
CA LEU A 348 3.07 2.92 -6.83
C LEU A 348 1.68 3.18 -6.27
N GLU A 349 0.87 2.12 -6.17
CA GLU A 349 -0.51 2.25 -5.74
C GLU A 349 -0.87 1.21 -4.69
N ASN A 350 -1.80 1.60 -3.83
CA ASN A 350 -2.43 0.71 -2.86
C ASN A 350 -3.72 1.39 -2.41
N HIS A 351 -4.43 0.80 -1.47
CA HIS A 351 -5.72 1.31 -1.02
C HIS A 351 -5.60 2.58 -0.17
N ASP A 352 -4.36 2.98 0.11
CA ASP A 352 -4.07 4.21 0.89
C ASP A 352 -3.53 5.34 0.04
N GLN A 353 -3.48 5.15 -1.28
CA GLN A 353 -2.80 6.08 -2.18
C GLN A 353 -3.70 6.57 -3.31
N PRO A 354 -3.50 7.82 -3.75
CA PRO A 354 -4.15 8.27 -4.98
C PRO A 354 -3.52 7.59 -6.20
N ARG A 355 -4.05 7.89 -7.39
CA ARG A 355 -3.65 7.17 -8.58
C ARG A 355 -2.33 7.68 -9.15
N SER A 356 -1.50 6.74 -9.58
CA SER A 356 -0.15 7.05 -10.00
C SER A 356 -0.08 7.88 -11.28
N ILE A 357 -1.01 7.70 -12.21
CA ILE A 357 -1.02 8.55 -13.41
C ILE A 357 -1.25 10.01 -13.01
N THR A 358 -2.21 10.25 -12.12
CA THR A 358 -2.45 11.61 -11.68
C THR A 358 -1.22 12.19 -10.97
N ARG A 359 -0.63 11.40 -10.10
CA ARG A 359 0.49 11.86 -9.28
C ARG A 359 1.79 12.04 -10.03
N PHE A 360 2.11 11.07 -10.89
CA PHE A 360 3.46 10.92 -11.46
C PHE A 360 3.48 10.89 -12.98
N GLY A 361 2.31 10.88 -13.59
CA GLY A 361 2.19 10.98 -15.05
C GLY A 361 1.44 12.25 -15.42
N ASP A 362 0.54 12.11 -16.39
CA ASP A 362 -0.34 13.21 -16.76
C ASP A 362 -1.70 12.61 -17.09
N ASP A 363 -2.68 12.89 -16.23
CA ASP A 363 -3.99 12.27 -16.38
C ASP A 363 -4.93 12.95 -17.37
N SER A 364 -4.43 13.93 -18.14
CA SER A 364 -5.26 14.60 -19.13
C SER A 364 -5.75 13.58 -20.17
N PRO A 365 -6.89 13.85 -20.83
CA PRO A 365 -7.30 12.95 -21.90
C PRO A 365 -6.19 12.71 -22.94
N LYS A 366 -5.37 13.72 -23.22
CA LYS A 366 -4.30 13.59 -24.20
C LYS A 366 -3.20 12.62 -23.74
N ASN A 367 -2.84 12.66 -22.46
CA ASN A 367 -1.65 11.94 -22.00
C ASN A 367 -1.87 10.78 -21.04
N ARG A 368 -3.12 10.52 -20.63
CA ARG A 368 -3.34 9.50 -19.60
C ARG A 368 -2.96 8.10 -20.05
N VAL A 369 -3.15 7.79 -21.33
CA VAL A 369 -2.82 6.45 -21.81
C VAL A 369 -1.30 6.28 -21.92
N ILE A 370 -0.64 7.19 -22.62
CA ILE A 370 0.80 7.06 -22.82
C ILE A 370 1.58 7.15 -21.50
N SER A 371 1.15 8.04 -20.60
CA SER A 371 1.85 8.16 -19.33
C SER A 371 1.54 6.99 -18.39
N GLY A 372 0.35 6.41 -18.48
CA GLY A 372 0.04 5.16 -17.80
C GLY A 372 0.96 4.04 -18.27
N LYS A 373 1.18 3.98 -19.58
CA LYS A 373 2.10 2.98 -20.12
C LYS A 373 3.54 3.25 -19.67
N LEU A 374 3.95 4.53 -19.62
CA LEU A 374 5.30 4.86 -19.15
C LEU A 374 5.54 4.33 -17.74
N LEU A 375 4.55 4.51 -16.85
CA LEU A 375 4.68 4.03 -15.48
C LEU A 375 4.80 2.51 -15.46
N SER A 376 4.10 1.84 -16.36
CA SER A 376 4.23 0.39 -16.49
C SER A 376 5.64 -0.03 -16.96
N VAL A 377 6.19 0.70 -17.92
CA VAL A 377 7.56 0.44 -18.36
C VAL A 377 8.54 0.58 -17.19
N LEU A 378 8.40 1.65 -16.42
CA LEU A 378 9.27 1.86 -15.25
C LEU A 378 9.19 0.67 -14.29
N LEU A 379 7.98 0.35 -13.86
CA LEU A 379 7.80 -0.68 -12.84
C LEU A 379 8.23 -2.06 -13.33
N SER A 380 8.05 -2.31 -14.63
CA SER A 380 8.40 -3.61 -15.24
C SER A 380 9.88 -3.91 -15.10
N ALA A 381 10.69 -2.87 -14.94
CA ALA A 381 12.15 -3.00 -14.98
C ALA A 381 12.84 -2.98 -13.62
N LEU A 382 12.08 -2.79 -12.54
CA LEU A 382 12.69 -2.60 -11.22
C LEU A 382 12.77 -3.87 -10.38
N THR A 383 13.83 -3.97 -9.60
CA THR A 383 14.13 -5.12 -8.75
C THR A 383 13.27 -5.16 -7.50
N GLY A 384 12.63 -6.30 -7.25
CA GLY A 384 11.80 -6.47 -6.08
C GLY A 384 10.52 -7.21 -6.40
N THR A 385 9.71 -7.45 -5.38
CA THR A 385 8.37 -7.98 -5.55
C THR A 385 7.46 -6.85 -6.04
N LEU A 386 6.91 -7.04 -7.24
CA LEU A 386 6.03 -6.05 -7.85
C LEU A 386 4.59 -6.24 -7.41
N TYR A 387 3.95 -5.12 -7.03
CA TYR A 387 2.55 -5.08 -6.67
C TYR A 387 1.81 -4.18 -7.64
N VAL A 388 0.64 -4.64 -8.07
CA VAL A 388 -0.29 -3.89 -8.93
C VAL A 388 -1.59 -3.78 -8.15
N TYR A 389 -2.13 -2.57 -8.03
CA TYR A 389 -3.35 -2.32 -7.27
C TYR A 389 -4.57 -2.30 -8.19
N GLN A 390 -5.69 -2.85 -7.74
CA GLN A 390 -6.88 -2.89 -8.59
C GLN A 390 -7.17 -1.55 -9.29
N GLY A 391 -7.28 -1.61 -10.60
CA GLY A 391 -7.54 -0.41 -11.42
C GLY A 391 -6.29 0.26 -11.97
N GLN A 392 -5.13 0.02 -11.34
CA GLN A 392 -3.88 0.54 -11.87
C GLN A 392 -3.65 0.03 -13.29
N GLU A 393 -4.01 -1.23 -13.52
CA GLU A 393 -3.82 -1.85 -14.83
C GLU A 393 -4.74 -1.28 -15.91
N LEU A 394 -5.80 -0.56 -15.49
CA LEU A 394 -6.70 0.12 -16.42
C LEU A 394 -6.26 1.56 -16.67
N GLY A 395 -5.24 2.02 -15.97
CA GLY A 395 -4.87 3.44 -16.07
C GLY A 395 -5.87 4.34 -15.39
N GLN A 396 -6.46 3.86 -14.30
CA GLN A 396 -7.37 4.68 -13.50
C GLN A 396 -6.68 5.96 -13.04
N ILE A 397 -7.48 7.03 -12.94
CA ILE A 397 -7.00 8.34 -12.54
C ILE A 397 -7.82 8.84 -11.35
N ASN A 398 -7.33 9.88 -10.69
CA ASN A 398 -8.07 10.49 -9.60
C ASN A 398 -9.45 10.95 -10.05
N PHE A 399 -10.41 10.97 -9.14
CA PHE A 399 -11.68 11.64 -9.42
C PHE A 399 -11.48 13.16 -9.30
N LYS A 400 -12.42 13.91 -9.87
CA LYS A 400 -12.30 15.36 -10.00
C LYS A 400 -13.53 16.08 -9.46
N ASN A 401 -13.29 17.22 -8.82
CA ASN A 401 -14.36 18.15 -8.44
C ASN A 401 -15.39 17.60 -7.44
N TRP A 402 -14.95 16.70 -6.56
CA TRP A 402 -15.83 16.20 -5.50
C TRP A 402 -15.84 17.16 -4.32
N PRO A 403 -17.02 17.47 -3.78
CA PRO A 403 -17.07 18.23 -2.53
C PRO A 403 -16.58 17.36 -1.37
N VAL A 404 -16.06 17.99 -0.33
CA VAL A 404 -15.50 17.26 0.81
C VAL A 404 -16.48 16.25 1.43
N GLU A 405 -17.77 16.61 1.47
CA GLU A 405 -18.79 15.77 2.09
C GLU A 405 -19.03 14.45 1.33
N LYS A 406 -18.55 14.36 0.10
CA LYS A 406 -18.67 13.16 -0.72
C LYS A 406 -17.65 12.08 -0.34
N TYR A 407 -16.53 12.49 0.26
CA TYR A 407 -15.49 11.54 0.67
C TYR A 407 -15.99 10.64 1.81
N GLU A 408 -15.70 9.35 1.73
CA GLU A 408 -16.13 8.41 2.78
C GLU A 408 -15.11 8.28 3.91
N ASP A 409 -13.83 8.49 3.58
CA ASP A 409 -12.70 8.10 4.42
C ASP A 409 -12.71 8.78 5.77
N VAL A 410 -12.62 7.96 6.82
CA VAL A 410 -12.43 8.42 8.18
C VAL A 410 -11.21 9.34 8.29
N GLU A 411 -10.20 9.10 7.46
CA GLU A 411 -9.00 9.96 7.45
C GLU A 411 -9.36 11.39 7.05
N ILE A 412 -10.31 11.52 6.12
CA ILE A 412 -10.75 12.85 5.70
C ILE A 412 -11.65 13.45 6.78
N ARG A 413 -12.61 12.68 7.27
CA ARG A 413 -13.55 13.18 8.27
C ARG A 413 -12.85 13.65 9.55
N ASN A 414 -11.95 12.82 10.08
CA ASN A 414 -11.26 13.18 11.31
C ASN A 414 -10.30 14.36 11.17
N ASN A 415 -9.58 14.42 10.04
CA ASN A 415 -8.69 15.56 9.81
C ASN A 415 -9.48 16.84 9.61
N TYR A 416 -10.57 16.75 8.84
CA TYR A 416 -11.47 17.89 8.64
C TYR A 416 -11.96 18.44 9.98
N ASN A 417 -12.42 17.55 10.85
CA ASN A 417 -12.96 17.99 12.14
C ASN A 417 -11.88 18.57 13.06
N ALA A 418 -10.67 18.02 13.01
CA ALA A 418 -9.57 18.57 13.79
C ALA A 418 -9.22 20.00 13.33
N ILE A 419 -9.19 20.22 12.02
CA ILE A 419 -8.90 21.56 11.48
C ILE A 419 -10.02 22.53 11.83
N LYS A 420 -11.26 22.11 11.68
CA LYS A 420 -12.42 22.91 12.07
C LYS A 420 -12.27 23.39 13.52
N GLU A 421 -11.94 22.46 14.42
CA GLU A 421 -11.82 22.76 15.84
C GLU A 421 -10.65 23.69 16.15
N GLU A 422 -9.50 23.44 15.53
CA GLU A 422 -8.27 24.17 15.86
C GLU A 422 -8.13 25.50 15.13
N HIS A 423 -8.64 25.57 13.90
CA HIS A 423 -8.36 26.70 13.01
C HIS A 423 -9.61 27.36 12.45
N GLY A 424 -10.73 26.64 12.47
CA GLY A 424 -11.97 27.13 11.88
C GLY A 424 -12.24 26.50 10.53
N GLU A 425 -13.53 26.36 10.21
CA GLU A 425 -13.96 25.81 8.93
C GLU A 425 -13.58 26.75 7.79
N ASN A 426 -13.67 28.05 8.06
CA ASN A 426 -13.28 29.08 7.11
C ASN A 426 -11.92 29.63 7.51
N SER A 427 -10.87 28.90 7.13
CA SER A 427 -9.50 29.24 7.50
C SER A 427 -8.53 28.88 6.39
N GLU A 428 -7.34 29.47 6.44
CA GLU A 428 -6.26 29.13 5.51
C GLU A 428 -5.88 27.66 5.63
N GLU A 429 -5.89 27.15 6.86
CA GLU A 429 -5.55 25.76 7.15
C GLU A 429 -6.54 24.82 6.47
N MET A 430 -7.82 25.14 6.54
CA MET A 430 -8.84 24.34 5.85
C MET A 430 -8.69 24.41 4.33
N LYS A 431 -8.41 25.60 3.80
CA LYS A 431 -8.23 25.76 2.36
C LYS A 431 -7.09 24.88 1.84
N LYS A 432 -5.97 24.86 2.56
CA LYS A 432 -4.83 24.02 2.17
C LYS A 432 -5.19 22.53 2.21
N PHE A 433 -5.93 22.14 3.26
CA PHE A 433 -6.41 20.77 3.39
C PHE A 433 -7.28 20.36 2.20
N LEU A 434 -8.25 21.20 1.85
CA LEU A 434 -9.15 20.90 0.74
C LEU A 434 -8.42 20.81 -0.60
N GLU A 435 -7.40 21.65 -0.78
CA GLU A 435 -6.54 21.56 -1.95
C GLU A 435 -5.86 20.19 -2.01
N ALA A 436 -5.34 19.75 -0.86
CA ALA A 436 -4.60 18.50 -0.82
C ALA A 436 -5.44 17.25 -1.03
N ILE A 437 -6.65 17.20 -0.48
CA ILE A 437 -7.44 15.97 -0.57
C ILE A 437 -7.76 15.61 -2.02
N ALA A 438 -7.88 16.63 -2.86
CA ALA A 438 -8.17 16.49 -4.28
C ALA A 438 -7.07 15.73 -5.03
N LEU A 439 -5.85 15.79 -4.50
CA LEU A 439 -4.73 15.04 -5.06
C LEU A 439 -4.38 13.77 -4.29
N ILE A 440 -4.49 13.83 -2.96
CA ILE A 440 -3.81 12.85 -2.10
C ILE A 440 -4.73 11.84 -1.39
N SER A 441 -6.03 12.10 -1.34
CA SER A 441 -6.90 11.23 -0.54
C SER A 441 -6.82 9.76 -0.91
N ARG A 442 -6.86 8.93 0.14
CA ARG A 442 -6.95 7.48 -0.02
C ARG A 442 -8.18 7.08 -0.85
N ASP A 443 -9.22 7.91 -0.84
CA ASP A 443 -10.45 7.57 -1.56
C ASP A 443 -10.27 7.48 -3.07
N HIS A 444 -9.23 8.10 -3.63
CA HIS A 444 -8.95 7.95 -5.05
C HIS A 444 -8.62 6.51 -5.43
N ALA A 445 -8.31 5.69 -4.43
CA ALA A 445 -8.06 4.27 -4.62
C ALA A 445 -9.31 3.39 -4.43
N ARG A 446 -10.38 3.97 -3.87
CA ARG A 446 -11.44 3.17 -3.27
C ARG A 446 -12.78 3.19 -3.98
N THR A 447 -12.90 3.97 -5.06
CA THR A 447 -14.13 3.95 -5.83
C THR A 447 -14.26 2.58 -6.51
N PRO A 448 -15.49 2.11 -6.76
CA PRO A 448 -15.63 0.76 -7.29
C PRO A 448 -14.85 0.48 -8.57
N MET A 449 -14.37 -0.75 -8.68
CA MET A 449 -13.67 -1.22 -9.86
C MET A 449 -14.59 -1.14 -11.08
N GLN A 450 -14.02 -0.73 -12.20
CA GLN A 450 -14.78 -0.38 -13.39
C GLN A 450 -14.66 -1.49 -14.43
N TRP A 451 -15.70 -2.33 -14.50
CA TRP A 451 -15.71 -3.51 -15.35
C TRP A 451 -16.25 -3.26 -16.75
N SER A 452 -17.11 -2.25 -16.89
CA SER A 452 -17.77 -1.96 -18.16
C SER A 452 -18.18 -0.50 -18.21
N ARG A 453 -18.78 -0.11 -19.35
CA ARG A 453 -19.29 1.25 -19.53
C ARG A 453 -20.75 1.37 -19.10
N GLU A 454 -21.30 0.32 -18.48
CA GLU A 454 -22.73 0.29 -18.12
C GLU A 454 -23.08 1.32 -17.07
N GLU A 455 -24.16 2.06 -17.30
CA GLU A 455 -24.67 3.03 -16.34
C GLU A 455 -25.54 2.36 -15.27
N PRO A 456 -25.48 2.86 -14.02
CA PRO A 456 -24.55 3.85 -13.47
C PRO A 456 -23.35 3.23 -12.73
N ASN A 457 -23.29 1.90 -12.68
CA ASN A 457 -22.36 1.21 -11.77
C ASN A 457 -21.17 0.51 -12.43
N ALA A 458 -21.01 0.70 -13.74
CA ALA A 458 -19.82 0.24 -14.46
C ALA A 458 -19.53 -1.25 -14.32
N GLY A 459 -20.59 -2.05 -14.17
CA GLY A 459 -20.44 -3.49 -14.06
C GLY A 459 -19.94 -4.00 -12.71
N PHE A 460 -19.69 -3.09 -11.78
CA PHE A 460 -19.29 -3.46 -10.43
C PHE A 460 -20.46 -4.12 -9.71
N SER A 461 -21.65 -3.60 -9.98
CA SER A 461 -22.90 -4.15 -9.45
C SER A 461 -23.92 -4.01 -10.55
N GLY A 462 -25.11 -4.58 -10.34
CA GLY A 462 -26.21 -4.40 -11.28
C GLY A 462 -26.69 -2.97 -11.30
N PRO A 463 -27.44 -2.59 -12.35
CA PRO A 463 -27.85 -1.19 -12.51
C PRO A 463 -28.80 -0.64 -11.42
N SER A 464 -29.48 -1.53 -10.69
CA SER A 464 -30.41 -1.08 -9.64
C SER A 464 -29.76 -0.92 -8.26
N ALA A 465 -28.51 -1.37 -8.13
CA ALA A 465 -27.82 -1.33 -6.85
C ALA A 465 -27.28 0.07 -6.52
N LYS A 466 -27.15 0.35 -5.23
CA LYS A 466 -26.51 1.58 -4.78
C LYS A 466 -25.13 1.20 -4.24
N PRO A 467 -24.06 1.50 -4.99
CA PRO A 467 -22.72 1.17 -4.50
C PRO A 467 -22.39 1.83 -3.16
N TRP A 468 -21.55 1.14 -2.37
CA TRP A 468 -21.20 1.62 -1.04
C TRP A 468 -20.51 2.99 -1.09
N PHE A 469 -19.82 3.26 -2.21
CA PHE A 469 -19.09 4.51 -2.42
C PHE A 469 -19.23 4.86 -3.91
N TYR A 470 -19.17 6.15 -4.23
CA TYR A 470 -19.47 6.64 -5.56
C TYR A 470 -18.50 6.16 -6.61
N LEU A 471 -19.00 5.98 -7.83
CA LEU A 471 -18.17 5.68 -9.00
C LEU A 471 -17.43 6.92 -9.46
N ASN A 472 -16.19 6.70 -9.89
CA ASN A 472 -15.41 7.68 -10.62
C ASN A 472 -16.00 7.78 -12.02
N ASP A 473 -16.24 9.01 -12.49
CA ASP A 473 -16.81 9.24 -13.82
C ASP A 473 -15.97 8.68 -14.97
N SER A 474 -14.72 8.31 -14.69
CA SER A 474 -13.82 7.86 -15.74
C SER A 474 -14.27 6.62 -16.50
N PHE A 475 -15.18 5.83 -15.91
CA PHE A 475 -15.67 4.64 -16.60
C PHE A 475 -16.35 4.99 -17.92
N ARG A 476 -17.01 6.15 -17.94
CA ARG A 476 -17.70 6.68 -19.12
C ARG A 476 -16.73 7.08 -20.23
N GLU A 477 -15.49 7.34 -19.84
CA GLU A 477 -14.42 7.78 -20.73
C GLU A 477 -13.60 6.60 -21.23
N GLY A 478 -14.10 5.38 -21.04
CA GLY A 478 -13.45 4.18 -21.54
C GLY A 478 -12.49 3.50 -20.59
N ILE A 479 -12.37 4.02 -19.36
CA ILE A 479 -11.51 3.38 -18.36
C ILE A 479 -12.34 2.29 -17.68
N ASN A 480 -12.37 1.13 -18.30
CA ASN A 480 -13.11 0.00 -17.76
C ASN A 480 -12.64 -1.25 -18.48
N VAL A 481 -12.84 -2.40 -17.84
CA VAL A 481 -12.28 -3.65 -18.34
C VAL A 481 -12.80 -4.00 -19.74
N GLU A 482 -14.11 -3.95 -19.95
CA GLU A 482 -14.66 -4.38 -21.23
C GLU A 482 -14.10 -3.56 -22.39
N ASP A 483 -14.13 -2.23 -22.25
CA ASP A 483 -13.62 -1.36 -23.32
C ASP A 483 -12.13 -1.53 -23.54
N GLU A 484 -11.37 -1.70 -22.46
CA GLU A 484 -9.92 -1.80 -22.61
C GLU A 484 -9.44 -3.13 -23.18
N ILE A 485 -10.16 -4.22 -22.89
CA ILE A 485 -9.83 -5.51 -23.52
C ILE A 485 -9.92 -5.38 -25.04
N LYS A 486 -10.97 -4.71 -25.50
CA LYS A 486 -11.25 -4.58 -26.95
C LYS A 486 -10.41 -3.53 -27.67
N ASP A 487 -9.78 -2.63 -26.92
CA ASP A 487 -8.89 -1.62 -27.50
C ASP A 487 -7.45 -2.14 -27.44
N PRO A 488 -6.87 -2.49 -28.61
CA PRO A 488 -5.50 -3.05 -28.62
C PRO A 488 -4.47 -2.09 -28.03
N ASN A 489 -4.79 -0.80 -28.06
CA ASN A 489 -3.90 0.26 -27.59
C ASN A 489 -4.10 0.63 -26.10
N SER A 490 -4.94 -0.13 -25.40
CA SER A 490 -5.27 0.22 -24.01
C SER A 490 -4.14 0.04 -23.01
N VAL A 491 -4.28 0.72 -21.89
CA VAL A 491 -3.36 0.55 -20.77
C VAL A 491 -3.39 -0.91 -20.26
N LEU A 492 -4.58 -1.51 -20.20
CA LEU A 492 -4.70 -2.91 -19.77
C LEU A 492 -3.90 -3.85 -20.66
N ASN A 493 -4.08 -3.75 -21.97
CA ASN A 493 -3.33 -4.61 -22.88
C ASN A 493 -1.84 -4.35 -22.78
N PHE A 494 -1.48 -3.11 -22.49
CA PHE A 494 -0.07 -2.80 -22.29
C PHE A 494 0.51 -3.43 -21.02
N TRP A 495 -0.22 -3.34 -19.92
CA TRP A 495 0.20 -4.00 -18.68
C TRP A 495 0.40 -5.50 -18.88
N LYS A 496 -0.47 -6.14 -19.68
CA LYS A 496 -0.29 -7.55 -20.00
C LYS A 496 1.06 -7.77 -20.66
N GLU A 497 1.42 -6.90 -21.61
CA GLU A 497 2.72 -6.97 -22.27
C GLU A 497 3.88 -6.74 -21.31
N ALA A 498 3.72 -5.75 -20.44
CA ALA A 498 4.75 -5.41 -19.45
C ALA A 498 5.07 -6.57 -18.50
N LEU A 499 4.02 -7.25 -18.03
CA LEU A 499 4.26 -8.40 -17.16
C LEU A 499 4.89 -9.57 -17.91
N LYS A 500 4.51 -9.77 -19.16
CA LYS A 500 5.15 -10.80 -19.98
C LYS A 500 6.63 -10.49 -20.20
N PHE A 501 6.94 -9.22 -20.48
CA PHE A 501 8.32 -8.78 -20.66
C PHE A 501 9.12 -8.99 -19.38
N ARG A 502 8.56 -8.54 -18.26
CA ARG A 502 9.26 -8.68 -16.97
C ARG A 502 9.59 -10.13 -16.66
N LYS A 503 8.64 -11.04 -16.87
CA LYS A 503 8.86 -12.46 -16.59
C LYS A 503 9.91 -13.07 -17.52
N ALA A 504 9.85 -12.72 -18.81
CA ALA A 504 10.77 -13.27 -19.80
C ALA A 504 12.22 -12.86 -19.53
N HIS A 505 12.39 -11.69 -18.91
CA HIS A 505 13.72 -11.16 -18.63
C HIS A 505 13.97 -11.05 -17.13
N LYS A 506 13.33 -11.95 -16.38
CA LYS A 506 13.27 -11.85 -14.91
C LYS A 506 14.63 -11.79 -14.22
N ASP A 507 15.65 -12.43 -14.79
CA ASP A 507 16.96 -12.39 -14.17
C ASP A 507 17.41 -10.95 -13.94
N ILE A 508 17.19 -10.09 -14.93
CA ILE A 508 17.64 -8.71 -14.80
C ILE A 508 16.52 -7.71 -14.42
N THR A 509 15.28 -8.02 -14.76
CA THR A 509 14.18 -7.12 -14.37
C THR A 509 13.79 -7.29 -12.90
N VAL A 510 13.59 -8.54 -12.46
CA VAL A 510 13.24 -8.86 -11.07
C VAL A 510 14.48 -8.92 -10.17
N TYR A 511 15.55 -9.55 -10.64
CA TYR A 511 16.71 -9.84 -9.79
C TYR A 511 17.95 -9.01 -10.12
N GLY A 512 17.80 -8.00 -10.98
CA GLY A 512 18.95 -7.19 -11.40
C GLY A 512 19.55 -6.43 -10.24
N TYR A 513 20.85 -6.16 -10.33
CA TYR A 513 21.58 -5.53 -9.24
C TYR A 513 22.49 -4.42 -9.75
N ASP A 514 23.28 -3.82 -8.86
CA ASP A 514 24.14 -2.68 -9.20
C ASP A 514 23.38 -1.58 -9.95
N PHE A 515 22.22 -1.24 -9.43
CA PHE A 515 21.43 -0.14 -9.97
C PHE A 515 22.23 1.16 -9.91
N GLU A 516 22.30 1.86 -11.05
CA GLU A 516 22.97 3.16 -11.11
C GLU A 516 22.10 4.14 -11.87
N PHE A 517 21.91 5.33 -11.29
CA PHE A 517 21.20 6.40 -11.99
C PHE A 517 22.09 6.98 -13.08
N ILE A 518 21.46 7.39 -14.18
CA ILE A 518 22.11 8.17 -15.23
C ILE A 518 21.42 9.52 -15.28
N ASP A 519 22.20 10.59 -15.15
CA ASP A 519 21.68 11.96 -15.15
C ASP A 519 20.58 12.13 -14.09
N LEU A 520 20.97 11.85 -12.85
CA LEU A 520 20.07 11.92 -11.70
C LEU A 520 19.31 13.24 -11.58
N ASP A 521 19.97 14.36 -11.89
CA ASP A 521 19.35 15.66 -11.68
C ASP A 521 18.28 16.02 -12.71
N ASN A 522 18.26 15.32 -13.83
CA ASN A 522 17.38 15.68 -14.96
C ASN A 522 15.93 15.75 -14.51
N LYS A 523 15.27 16.86 -14.83
CA LYS A 523 13.89 17.09 -14.42
C LYS A 523 12.86 16.35 -15.27
N LYS A 524 13.32 15.72 -16.36
CA LYS A 524 12.42 15.01 -17.29
C LYS A 524 12.83 13.55 -17.46
N LEU A 525 14.13 13.31 -17.61
CA LEU A 525 14.66 11.98 -17.89
C LEU A 525 14.90 11.18 -16.62
N PHE A 526 14.24 10.02 -16.54
CA PHE A 526 14.48 9.04 -15.49
C PHE A 526 15.23 7.91 -16.17
N SER A 527 16.52 7.76 -15.87
CA SER A 527 17.37 6.81 -16.56
C SER A 527 18.26 6.05 -15.58
N PHE A 528 18.55 4.80 -15.91
CA PHE A 528 19.35 3.95 -15.02
C PHE A 528 19.88 2.73 -15.75
N THR A 529 20.90 2.11 -15.15
CA THR A 529 21.35 0.80 -15.58
C THR A 529 21.26 -0.19 -14.42
N LYS A 530 21.18 -1.47 -14.79
CA LYS A 530 21.25 -2.58 -13.86
C LYS A 530 22.09 -3.66 -14.50
N LYS A 531 22.58 -4.58 -13.67
CA LYS A 531 23.41 -5.69 -14.14
C LYS A 531 22.84 -7.05 -13.73
N TYR A 532 23.15 -8.05 -14.53
CA TYR A 532 23.01 -9.45 -14.11
C TYR A 532 24.02 -10.25 -14.90
N ASN A 533 25.07 -10.69 -14.21
CA ASN A 533 26.22 -11.32 -14.86
C ASN A 533 26.68 -10.49 -16.06
N ASN A 534 26.67 -11.08 -17.25
CA ASN A 534 27.10 -10.41 -18.48
C ASN A 534 26.10 -9.37 -19.02
N LYS A 535 24.89 -9.38 -18.48
CA LYS A 535 23.80 -8.56 -19.01
C LYS A 535 23.76 -7.17 -18.40
N THR A 536 23.42 -6.19 -19.22
CA THR A 536 23.21 -4.82 -18.75
C THR A 536 21.84 -4.36 -19.25
N LEU A 537 21.01 -3.89 -18.31
CA LEU A 537 19.73 -3.27 -18.65
C LEU A 537 19.90 -1.76 -18.58
N PHE A 538 19.38 -1.07 -19.59
CA PHE A 538 19.40 0.38 -19.62
C PHE A 538 17.99 0.91 -19.83
N ALA A 539 17.56 1.81 -18.95
CA ALA A 539 16.25 2.44 -19.07
C ALA A 539 16.36 3.92 -19.37
N ALA A 540 15.54 4.40 -20.29
CA ALA A 540 15.43 5.83 -20.58
C ALA A 540 13.94 6.15 -20.63
N LEU A 541 13.49 6.97 -19.69
CA LEU A 541 12.06 7.19 -19.46
C LEU A 541 11.81 8.69 -19.41
N ASN A 542 10.93 9.18 -20.28
CA ASN A 542 10.71 10.60 -20.41
C ASN A 542 9.43 11.04 -19.70
N PHE A 543 9.56 11.50 -18.46
CA PHE A 543 8.42 11.96 -17.68
C PHE A 543 8.10 13.41 -17.97
N SER A 544 7.75 13.66 -19.22
CA SER A 544 7.42 15.01 -19.67
C SER A 544 6.72 14.97 -21.01
N SER A 545 6.02 16.06 -21.32
CA SER A 545 5.41 16.25 -22.62
C SER A 545 6.39 16.79 -23.66
N ASP A 546 7.60 17.16 -23.23
CA ASP A 546 8.65 17.61 -24.14
C ASP A 546 9.47 16.42 -24.61
N ALA A 547 9.97 16.47 -25.85
CA ALA A 547 10.97 15.50 -26.29
C ALA A 547 12.23 15.67 -25.42
N THR A 548 12.92 14.58 -25.13
CA THR A 548 14.06 14.60 -24.19
C THR A 548 15.19 13.72 -24.68
N ASP A 549 16.40 14.27 -24.72
CA ASP A 549 17.58 13.53 -25.15
C ASP A 549 18.05 12.56 -24.06
N PHE A 550 18.73 11.50 -24.47
CA PHE A 550 19.40 10.60 -23.53
C PHE A 550 20.68 10.02 -24.13
N LYS A 551 21.56 9.55 -23.25
CA LYS A 551 22.78 8.84 -23.66
C LYS A 551 22.79 7.48 -22.97
N ILE A 552 23.30 6.47 -23.67
CA ILE A 552 23.57 5.17 -23.06
C ILE A 552 25.05 5.14 -22.67
N PRO A 553 25.35 4.92 -21.37
CA PRO A 553 26.76 4.84 -20.99
C PRO A 553 27.40 3.59 -21.61
N ASN A 554 28.65 3.73 -22.06
CA ASN A 554 29.35 2.66 -22.79
C ASN A 554 28.52 2.12 -23.95
N ASP A 555 27.92 3.03 -24.72
CA ASP A 555 27.03 2.66 -25.82
C ASP A 555 27.79 2.02 -26.98
N ASP A 556 27.32 0.85 -27.40
CA ASP A 556 27.88 0.18 -28.58
C ASP A 556 26.78 -0.37 -29.50
N SER A 557 26.91 -1.63 -29.91
CA SER A 557 25.92 -2.26 -30.78
C SER A 557 25.08 -3.30 -30.05
N SER A 558 25.57 -3.75 -28.90
CA SER A 558 24.94 -4.84 -28.14
C SER A 558 23.62 -4.44 -27.46
N PHE A 559 23.40 -3.13 -27.27
CA PHE A 559 22.16 -2.67 -26.63
C PHE A 559 20.97 -2.76 -27.57
N LYS A 560 20.10 -3.72 -27.31
CA LYS A 560 18.90 -3.94 -28.12
C LYS A 560 17.67 -3.46 -27.38
N LEU A 561 16.76 -2.82 -28.12
CA LEU A 561 15.50 -2.34 -27.55
C LEU A 561 14.59 -3.54 -27.31
N GLU A 562 14.23 -3.77 -26.05
CA GLU A 562 13.44 -4.95 -25.69
C GLU A 562 12.02 -4.63 -25.25
N PHE A 563 11.79 -3.39 -24.81
CA PHE A 563 10.46 -2.99 -24.38
C PHE A 563 10.31 -1.47 -24.41
N GLY A 564 9.11 -1.01 -24.69
CA GLY A 564 8.82 0.42 -24.66
C GLY A 564 7.35 0.66 -24.86
N ASN A 565 6.93 1.92 -24.72
CA ASN A 565 5.51 2.26 -24.85
C ASN A 565 5.06 2.88 -26.16
N TYR A 566 5.98 3.34 -27.01
CA TYR A 566 5.60 3.81 -28.33
C TYR A 566 5.43 2.61 -29.26
N PRO A 567 4.69 2.77 -30.37
CA PRO A 567 4.39 1.60 -31.20
C PRO A 567 5.66 0.88 -31.65
N LYS A 568 5.70 -0.43 -31.40
CA LYS A 568 6.88 -1.28 -31.60
C LYS A 568 7.46 -1.15 -33.01
N LYS A 569 6.59 -1.02 -34.01
CA LYS A 569 7.01 -0.99 -35.41
C LYS A 569 7.45 0.41 -35.88
N GLU A 570 7.24 1.41 -35.04
CA GLU A 570 7.50 2.80 -35.41
C GLU A 570 8.75 3.39 -34.73
N VAL A 571 9.19 2.76 -33.64
CA VAL A 571 10.33 3.25 -32.87
C VAL A 571 11.67 2.98 -33.58
N ASP A 572 12.48 4.03 -33.67
CA ASP A 572 13.85 3.96 -34.14
C ASP A 572 14.75 3.74 -32.92
N ALA A 573 15.18 2.49 -32.71
CA ALA A 573 16.01 2.14 -31.55
C ALA A 573 17.34 2.89 -31.49
N SER A 574 17.84 3.32 -32.65
CA SER A 574 19.11 4.05 -32.72
C SER A 574 18.99 5.52 -32.32
N SER A 575 17.74 6.03 -32.27
CA SER A 575 17.53 7.43 -31.92
C SER A 575 17.86 7.68 -30.45
N ARG A 576 18.34 8.89 -30.17
CA ARG A 576 18.75 9.22 -28.81
C ARG A 576 17.97 10.40 -28.26
N THR A 577 16.75 10.55 -28.76
CA THR A 577 15.75 11.47 -28.22
C THR A 577 14.47 10.69 -28.03
N LEU A 578 13.88 10.84 -26.84
CA LEU A 578 12.60 10.23 -26.52
C LEU A 578 11.49 11.16 -26.91
N LYS A 579 10.42 10.58 -27.45
CA LYS A 579 9.20 11.31 -27.71
C LYS A 579 8.48 11.63 -26.39
N PRO A 580 7.46 12.50 -26.41
CA PRO A 580 6.72 12.83 -25.18
C PRO A 580 6.21 11.57 -24.48
N TRP A 581 6.50 11.48 -23.18
CA TRP A 581 6.10 10.34 -22.33
C TRP A 581 6.62 8.99 -22.80
N GLU A 582 7.65 9.00 -23.66
CA GLU A 582 8.21 7.74 -24.15
C GLU A 582 9.15 7.08 -23.15
N GLY A 583 9.03 5.77 -23.04
CA GLY A 583 9.97 4.96 -22.25
C GLY A 583 10.52 3.82 -23.09
N ARG A 584 11.79 3.52 -22.85
CA ARG A 584 12.48 2.44 -23.55
C ARG A 584 13.35 1.65 -22.57
N ILE A 585 13.31 0.34 -22.70
CA ILE A 585 14.23 -0.55 -21.99
C ILE A 585 15.11 -1.26 -23.02
N TYR A 586 16.42 -1.02 -22.92
CA TYR A 586 17.41 -1.71 -23.76
C TYR A 586 18.12 -2.75 -22.90
N ILE A 587 18.47 -3.87 -23.51
CA ILE A 587 19.27 -4.89 -22.81
C ILE A 587 20.45 -5.30 -23.70
N SER A 588 21.63 -5.32 -23.10
CA SER A 588 22.87 -5.74 -23.77
C SER A 588 23.37 -7.03 -23.14
N GLU A 589 23.92 -7.91 -23.96
CA GLU A 589 24.58 -9.13 -23.45
C GLU A 589 25.90 -9.46 -24.15
#